data_4NVK
#
_entry.id   4NVK
#
_cell.length_a   50.570
_cell.length_b   71.610
_cell.length_c   102.930
_cell.angle_alpha   90.000
_cell.angle_beta   90.000
_cell.angle_gamma   90.000
#
_symmetry.space_group_name_H-M   'P 21 21 21'
#
loop_
_entity.id
_entity.type
_entity.pdbx_description
1 polymer 'Cytochrome c peroxidase'
2 non-polymer 'PROTOPORPHYRIN IX CONTAINING FE'
3 non-polymer N~2~,N~2~-diethylquinazoline-2,4-diamine
4 non-polymer 'PHOSPHATE ION'
5 water water
#
_entity_poly.entity_id   1
_entity_poly.type   'polypeptide(L)'
_entity_poly.pdbx_seq_one_letter_code
;LVHVASVEKGRSYEDFQKVYNAIALKLREDDEYDNYIGYGPVLVRLAWHISGTWDKHDNTGGSYGGTYRFKKEFNDPSNA
GLQNGFKFLEPIHKEFPWISSGDLFSLGGVTAVQEMQGPKIPWRCGRVDTPEDTTPDNGRLPDADKDAGYVRTFFQRLNM
NDREVVALMGAHALGKTHLKNSGYEGGGANNVFTNEFYLNLLNEDWKLEKNDANNEQWDSKSGYMMLPTDYSLIQDPKYL
SIVKEYANDQDKFFKDFSKAFEKLLENGITFPKDAPSPFIFKTLEEQGL
;
_entity_poly.pdbx_strand_id   B
#
loop_
_chem_comp.id
_chem_comp.type
_chem_comp.name
_chem_comp.formula
2NY non-polymer N~2~,N~2~-diethylquinazoline-2,4-diamine 'C12 H16 N4'
HEM non-polymer 'PROTOPORPHYRIN IX CONTAINING FE' 'C34 H32 Fe N4 O4'
PO4 non-polymer 'PHOSPHATE ION' 'O4 P -3'
#
# COMPACT_ATOMS: atom_id res chain seq x y z
N LEU A 1 14.93 21.35 -6.23
CA LEU A 1 15.01 20.07 -5.45
C LEU A 1 14.79 18.88 -6.36
N VAL A 2 15.90 18.23 -6.65
CA VAL A 2 15.96 17.12 -7.56
C VAL A 2 16.53 15.99 -6.73
N HIS A 3 15.91 14.82 -6.84
N HIS A 3 15.90 14.83 -6.83
CA HIS A 3 16.37 13.59 -6.21
CA HIS A 3 16.37 13.59 -6.21
C HIS A 3 16.75 12.63 -7.30
C HIS A 3 16.75 12.63 -7.30
N VAL A 4 18.04 12.54 -7.61
CA VAL A 4 18.50 11.74 -8.71
C VAL A 4 18.71 10.29 -8.29
N ALA A 5 18.12 9.35 -9.02
CA ALA A 5 18.34 7.93 -8.78
C ALA A 5 19.80 7.62 -8.96
N SER A 6 20.38 6.92 -8.00
CA SER A 6 21.78 6.50 -8.05
C SER A 6 21.87 5.03 -7.65
N VAL A 7 22.20 4.17 -8.61
CA VAL A 7 22.25 2.76 -8.36
C VAL A 7 23.26 2.41 -7.27
N GLU A 8 22.86 1.61 -6.31
CA GLU A 8 23.79 1.12 -5.31
C GLU A 8 25.02 0.56 -5.99
N LYS A 9 26.21 0.96 -5.55
N LYS A 9 26.21 0.96 -5.53
CA LYS A 9 27.39 0.74 -6.34
CA LYS A 9 27.41 0.72 -6.32
C LYS A 9 27.67 -0.73 -6.62
C LYS A 9 27.67 -0.75 -6.61
N GLY A 10 27.78 -1.08 -7.89
CA GLY A 10 28.13 -2.43 -8.31
C GLY A 10 26.98 -3.43 -8.32
N ARG A 11 25.75 -2.96 -8.07
CA ARG A 11 24.62 -3.87 -7.99
C ARG A 11 23.84 -3.98 -9.29
N SER A 12 23.29 -5.15 -9.50
CA SER A 12 22.51 -5.40 -10.71
C SER A 12 21.22 -6.15 -10.36
N TYR A 13 20.45 -6.46 -11.39
N TYR A 13 20.45 -6.47 -11.38
CA TYR A 13 19.18 -7.18 -11.22
CA TYR A 13 19.16 -7.14 -11.18
C TYR A 13 19.25 -8.33 -10.23
C TYR A 13 19.22 -8.36 -10.25
N GLU A 14 20.24 -9.21 -10.40
CA GLU A 14 20.32 -10.41 -9.60
C GLU A 14 20.46 -10.09 -8.10
N ASP A 15 21.18 -9.03 -7.77
CA ASP A 15 21.30 -8.60 -6.39
C ASP A 15 19.89 -8.30 -5.76
N PHE A 16 19.12 -7.52 -6.48
CA PHE A 16 17.79 -7.15 -6.05
C PHE A 16 16.85 -8.34 -6.05
N GLN A 17 16.98 -9.26 -7.02
CA GLN A 17 16.18 -10.45 -6.98
C GLN A 17 16.46 -11.23 -5.70
N LYS A 18 17.73 -11.25 -5.26
CA LYS A 18 18.04 -11.89 -3.95
C LYS A 18 17.33 -11.25 -2.77
N VAL A 19 17.23 -9.92 -2.77
CA VAL A 19 16.51 -9.18 -1.73
C VAL A 19 15.00 -9.55 -1.75
N TYR A 20 14.46 -9.49 -2.95
CA TYR A 20 13.07 -9.88 -3.23
C TYR A 20 12.84 -11.28 -2.63
N ASN A 21 13.74 -12.20 -2.94
CA ASN A 21 13.53 -13.58 -2.51
C ASN A 21 13.61 -13.70 -0.99
N ALA A 22 14.50 -12.95 -0.32
CA ALA A 22 14.59 -13.01 1.15
C ALA A 22 13.31 -12.48 1.78
N ILE A 23 12.77 -11.37 1.24
CA ILE A 23 11.49 -10.90 1.70
C ILE A 23 10.36 -11.91 1.50
N ALA A 24 10.35 -12.50 0.31
CA ALA A 24 9.32 -13.47 -0.12
C ALA A 24 9.34 -14.75 0.78
N LEU A 25 10.55 -15.20 1.07
CA LEU A 25 10.70 -16.41 1.92
C LEU A 25 10.27 -16.10 3.35
N LYS A 26 10.62 -14.90 3.83
N LYS A 26 10.61 -14.92 3.85
CA LYS A 26 10.23 -14.49 5.17
CA LYS A 26 10.20 -14.54 5.20
C LYS A 26 8.71 -14.24 5.29
C LYS A 26 8.66 -14.39 5.24
N LEU A 27 8.10 -13.79 4.18
CA LEU A 27 6.62 -13.69 4.12
C LEU A 27 5.97 -15.06 4.29
N ARG A 28 6.53 -16.03 3.62
CA ARG A 28 5.98 -17.39 3.59
C ARG A 28 6.12 -17.99 5.01
N GLU A 29 7.28 -17.80 5.62
CA GLU A 29 7.64 -18.36 6.95
C GLU A 29 6.90 -17.76 8.12
N ASP A 30 6.75 -16.44 8.14
CA ASP A 30 6.18 -15.73 9.27
C ASP A 30 4.69 -15.60 9.08
N ASP A 31 4.03 -16.75 9.00
CA ASP A 31 2.64 -16.87 8.57
C ASP A 31 1.58 -16.57 9.65
N GLU A 32 1.96 -16.53 10.93
N GLU A 32 2.04 -16.42 10.86
CA GLU A 32 0.98 -16.35 12.01
CA GLU A 32 1.17 -16.25 12.01
C GLU A 32 0.65 -14.88 12.32
C GLU A 32 0.67 -14.82 12.21
N TYR A 33 1.43 -13.93 11.81
CA TYR A 33 1.19 -12.55 12.14
C TYR A 33 -0.25 -12.12 11.84
N ASP A 34 -0.81 -11.38 12.80
CA ASP A 34 -2.13 -10.72 12.71
C ASP A 34 -3.17 -11.77 12.39
N ASN A 35 -3.30 -12.75 13.28
CA ASN A 35 -4.24 -13.85 13.10
C ASN A 35 -4.13 -14.55 11.77
N TYR A 36 -2.90 -14.82 11.38
CA TYR A 36 -2.63 -15.60 10.15
C TYR A 36 -2.87 -14.85 8.83
N ILE A 37 -2.96 -13.54 8.90
CA ILE A 37 -2.95 -12.72 7.66
C ILE A 37 -1.55 -12.75 7.03
N GLY A 38 -0.53 -12.78 7.85
CA GLY A 38 0.87 -12.69 7.42
C GLY A 38 1.19 -11.21 7.20
N TYR A 39 2.44 -10.93 6.85
CA TYR A 39 2.95 -9.53 6.77
C TYR A 39 2.72 -8.85 5.41
N GLY A 40 2.09 -9.55 4.50
CA GLY A 40 1.92 -8.97 3.14
C GLY A 40 1.19 -7.64 3.16
N PRO A 41 0.01 -7.60 3.77
CA PRO A 41 -0.73 -6.35 3.72
C PRO A 41 -0.02 -5.20 4.40
N VAL A 42 0.61 -5.41 5.56
CA VAL A 42 1.28 -4.28 6.21
C VAL A 42 2.49 -3.77 5.38
N LEU A 43 3.16 -4.66 4.66
CA LEU A 43 4.25 -4.21 3.79
C LEU A 43 3.73 -3.35 2.65
N VAL A 44 2.58 -3.69 2.13
CA VAL A 44 1.95 -2.85 1.07
C VAL A 44 1.64 -1.46 1.65
N ARG A 45 1.01 -1.42 2.83
CA ARG A 45 0.66 -0.17 3.48
C ARG A 45 1.89 0.62 3.77
N LEU A 46 2.96 -0.04 4.22
CA LEU A 46 4.20 0.65 4.47
C LEU A 46 4.74 1.36 3.21
N ALA A 47 4.82 0.62 2.09
CA ALA A 47 5.31 1.18 0.85
C ALA A 47 4.47 2.37 0.42
N TRP A 48 3.17 2.30 0.69
CA TRP A 48 2.30 3.40 0.34
C TRP A 48 2.49 4.60 1.25
N HIS A 49 2.67 4.36 2.54
CA HIS A 49 2.87 5.46 3.44
C HIS A 49 4.20 6.16 3.29
N ILE A 50 5.26 5.47 2.92
CA ILE A 50 6.56 6.10 2.67
C ILE A 50 6.54 6.93 1.41
N SER A 51 5.64 6.57 0.49
CA SER A 51 5.51 7.27 -0.78
C SER A 51 4.53 8.42 -0.72
N GLY A 52 3.47 8.25 0.06
CA GLY A 52 2.33 9.13 0.05
C GLY A 52 2.55 10.48 0.71
N THR A 53 3.73 10.67 1.24
CA THR A 53 4.13 11.98 1.82
C THR A 53 4.57 12.96 0.72
N TRP A 54 4.68 12.52 -0.51
CA TRP A 54 5.18 13.39 -1.57
C TRP A 54 4.25 14.55 -1.87
N ASP A 55 4.86 15.68 -2.23
CA ASP A 55 4.15 16.86 -2.63
C ASP A 55 4.72 17.32 -3.96
N LYS A 56 3.92 17.23 -5.03
CA LYS A 56 4.37 17.60 -6.34
C LYS A 56 4.76 19.09 -6.40
N HIS A 57 4.26 19.91 -5.49
CA HIS A 57 4.47 21.38 -5.63
C HIS A 57 5.91 21.75 -5.30
N ASP A 58 6.54 21.05 -4.39
CA ASP A 58 7.96 21.29 -4.10
C ASP A 58 8.93 20.11 -4.15
N ASN A 59 8.41 18.95 -4.59
N ASN A 59 8.41 18.95 -4.60
CA ASN A 59 9.18 17.71 -4.67
CA ASN A 59 9.17 17.71 -4.65
C ASN A 59 9.69 17.20 -3.32
C ASN A 59 9.69 17.21 -3.32
N THR A 60 9.07 17.64 -2.23
CA THR A 60 9.39 17.12 -0.91
C THR A 60 8.68 15.81 -0.61
N GLY A 61 9.24 15.04 0.32
CA GLY A 61 8.70 13.77 0.70
C GLY A 61 8.89 12.70 -0.38
N GLY A 62 8.01 11.71 -0.33
CA GLY A 62 8.09 10.57 -1.24
C GLY A 62 9.08 9.51 -0.76
N SER A 63 9.20 8.42 -1.53
CA SER A 63 10.00 7.26 -1.13
C SER A 63 11.50 7.50 -1.16
N TYR A 64 11.97 8.49 -1.92
CA TYR A 64 13.41 8.57 -2.24
C TYR A 64 14.33 8.50 -1.00
N GLY A 65 14.02 9.32 -0.01
CA GLY A 65 14.98 9.54 1.06
C GLY A 65 15.00 8.55 2.19
N GLY A 66 14.10 7.58 2.20
CA GLY A 66 14.07 6.57 3.24
C GLY A 66 13.83 7.14 4.62
N THR A 67 13.08 8.23 4.68
CA THR A 67 12.99 9.07 5.90
C THR A 67 12.10 8.44 6.97
N TYR A 68 11.34 7.40 6.64
CA TYR A 68 10.55 6.68 7.62
C TYR A 68 11.40 6.09 8.74
N ARG A 69 12.69 5.93 8.47
CA ARG A 69 13.60 5.38 9.49
C ARG A 69 13.84 6.39 10.62
N PHE A 70 13.47 7.65 10.41
CA PHE A 70 13.58 8.73 11.42
C PHE A 70 12.33 8.88 12.29
N LYS A 71 12.56 9.15 13.61
CA LYS A 71 11.52 9.26 14.58
C LYS A 71 10.27 10.03 14.20
N LYS A 72 10.45 11.21 13.60
CA LYS A 72 9.31 12.11 13.36
C LYS A 72 8.34 11.38 12.45
N GLU A 73 8.84 10.75 11.40
CA GLU A 73 7.96 10.02 10.47
C GLU A 73 7.52 8.67 10.99
N PHE A 74 8.43 7.91 11.60
CA PHE A 74 8.08 6.64 12.18
C PHE A 74 6.94 6.76 13.18
N ASN A 75 6.92 7.87 13.92
CA ASN A 75 5.92 8.11 14.96
C ASN A 75 4.70 8.91 14.51
N ASP A 76 4.61 9.22 13.21
CA ASP A 76 3.40 9.83 12.70
C ASP A 76 2.22 8.99 13.12
N PRO A 77 1.20 9.61 13.76
CA PRO A 77 0.01 8.81 14.07
C PRO A 77 -0.61 8.06 12.85
N SER A 78 -0.54 8.67 11.65
CA SER A 78 -0.97 8.00 10.41
C SER A 78 -0.21 6.74 10.09
N ASN A 79 0.97 6.57 10.69
CA ASN A 79 1.80 5.37 10.47
C ASN A 79 1.67 4.34 11.61
N ALA A 80 0.71 4.51 12.51
CA ALA A 80 0.52 3.52 13.58
C ALA A 80 0.23 2.12 13.05
N GLY A 81 1.03 1.16 13.49
CA GLY A 81 0.91 -0.21 13.02
C GLY A 81 2.02 -0.60 12.06
N LEU A 82 2.55 0.41 11.38
CA LEU A 82 3.59 0.18 10.39
C LEU A 82 4.91 -0.26 11.00
N GLN A 83 5.10 -0.01 12.30
N GLN A 83 5.12 0.00 12.28
CA GLN A 83 6.29 -0.51 12.99
CA GLN A 83 6.33 -0.46 12.94
C GLN A 83 6.47 -2.00 12.80
C GLN A 83 6.48 -1.99 12.82
N ASN A 84 5.38 -2.72 12.62
CA ASN A 84 5.42 -4.15 12.39
C ASN A 84 6.10 -4.51 11.07
N GLY A 85 5.81 -3.76 10.01
CA GLY A 85 6.51 -3.94 8.75
C GLY A 85 8.00 -3.55 8.80
N PHE A 86 8.32 -2.47 9.49
CA PHE A 86 9.68 -2.10 9.72
C PHE A 86 10.47 -3.25 10.40
N LYS A 87 9.90 -3.77 11.49
CA LYS A 87 10.54 -4.91 12.20
C LYS A 87 10.75 -6.14 11.32
N PHE A 88 9.80 -6.39 10.44
CA PHE A 88 9.90 -7.48 9.48
C PHE A 88 11.07 -7.27 8.53
N LEU A 89 11.26 -6.03 8.08
CA LEU A 89 12.29 -5.72 7.11
C LEU A 89 13.69 -5.56 7.71
N GLU A 90 13.75 -5.35 9.01
CA GLU A 90 15.02 -5.10 9.69
C GLU A 90 16.08 -6.18 9.41
N PRO A 91 15.73 -7.44 9.67
CA PRO A 91 16.68 -8.54 9.36
C PRO A 91 17.02 -8.69 7.87
N ILE A 92 16.10 -8.29 7.00
CA ILE A 92 16.38 -8.28 5.57
C ILE A 92 17.47 -7.23 5.33
N HIS A 93 17.34 -6.05 5.92
CA HIS A 93 18.35 -5.01 5.74
C HIS A 93 19.72 -5.48 6.28
N LYS A 94 19.69 -6.15 7.42
CA LYS A 94 20.92 -6.71 7.97
C LYS A 94 21.56 -7.71 7.03
N GLU A 95 20.76 -8.51 6.33
CA GLU A 95 21.26 -9.48 5.41
C GLU A 95 21.85 -8.82 4.13
N PHE A 96 21.26 -7.68 3.73
CA PHE A 96 21.66 -6.95 2.52
C PHE A 96 21.87 -5.47 2.84
N PRO A 97 22.92 -5.13 3.59
CA PRO A 97 23.01 -3.75 4.12
C PRO A 97 23.31 -2.67 3.06
N TRP A 98 23.65 -3.12 1.86
CA TRP A 98 23.98 -2.24 0.76
C TRP A 98 22.76 -1.57 0.14
N ILE A 99 21.58 -2.14 0.37
CA ILE A 99 20.33 -1.56 -0.18
C ILE A 99 19.94 -0.32 0.58
N SER A 100 19.51 0.74 -0.14
CA SER A 100 19.02 1.91 0.53
C SER A 100 17.69 1.65 1.26
N SER A 101 17.35 2.47 2.23
CA SER A 101 16.13 2.31 2.98
C SER A 101 14.88 2.50 2.10
N GLY A 102 14.88 3.53 1.27
CA GLY A 102 13.72 3.71 0.37
C GLY A 102 13.59 2.57 -0.60
N ASP A 103 14.71 2.06 -1.12
CA ASP A 103 14.65 0.90 -2.03
C ASP A 103 14.07 -0.30 -1.25
N LEU A 104 14.53 -0.56 -0.02
CA LEU A 104 13.96 -1.66 0.73
C LEU A 104 12.46 -1.55 1.06
N PHE A 105 12.06 -0.39 1.52
CA PHE A 105 10.67 -0.17 1.88
C PHE A 105 9.79 -0.37 0.65
N SER A 106 10.15 0.25 -0.45
CA SER A 106 9.36 0.16 -1.66
C SER A 106 9.37 -1.24 -2.23
N LEU A 107 10.52 -1.90 -2.19
CA LEU A 107 10.62 -3.28 -2.68
C LEU A 107 9.79 -4.25 -1.83
N GLY A 108 9.71 -3.96 -0.55
CA GLY A 108 8.84 -4.76 0.32
C GLY A 108 7.39 -4.80 -0.14
N GLY A 109 6.90 -3.63 -0.59
CA GLY A 109 5.55 -3.54 -1.14
C GLY A 109 5.35 -4.29 -2.44
N VAL A 110 6.30 -4.13 -3.38
CA VAL A 110 6.29 -4.83 -4.63
C VAL A 110 6.28 -6.37 -4.36
N THR A 111 7.18 -6.81 -3.45
CA THR A 111 7.32 -8.22 -3.18
C THR A 111 6.00 -8.77 -2.61
N ALA A 112 5.45 -8.01 -1.65
CA ALA A 112 4.19 -8.44 -1.04
C ALA A 112 3.07 -8.56 -2.03
N VAL A 113 2.92 -7.57 -2.92
CA VAL A 113 1.84 -7.65 -3.89
C VAL A 113 1.99 -8.89 -4.76
N GLN A 114 3.20 -9.10 -5.29
CA GLN A 114 3.45 -10.23 -6.23
C GLN A 114 3.29 -11.57 -5.54
N GLU A 115 3.79 -11.67 -4.33
CA GLU A 115 3.69 -12.94 -3.57
C GLU A 115 2.28 -13.26 -3.15
N MET A 116 1.46 -12.22 -2.98
CA MET A 116 0.01 -12.37 -2.73
C MET A 116 -0.79 -12.60 -4.03
N GLN A 117 -0.09 -12.95 -5.09
CA GLN A 117 -0.68 -13.30 -6.38
C GLN A 117 -1.27 -12.07 -7.13
N GLY A 118 -0.79 -10.88 -6.76
CA GLY A 118 -1.15 -9.66 -7.51
C GLY A 118 -0.35 -9.55 -8.77
N PRO A 119 -0.54 -8.41 -9.47
CA PRO A 119 0.16 -8.21 -10.71
C PRO A 119 1.65 -8.05 -10.48
N LYS A 120 2.43 -8.24 -11.54
N LYS A 120 2.43 -8.24 -11.54
CA LYS A 120 3.82 -7.83 -11.54
CA LYS A 120 3.82 -7.83 -11.54
C LYS A 120 3.89 -6.31 -11.45
C LYS A 120 3.89 -6.31 -11.45
N ILE A 121 4.78 -5.79 -10.62
CA ILE A 121 4.96 -4.37 -10.48
C ILE A 121 6.43 -4.09 -10.86
N PRO A 122 6.67 -3.51 -12.01
CA PRO A 122 8.08 -3.13 -12.32
C PRO A 122 8.59 -2.20 -11.24
N TRP A 123 9.87 -2.35 -10.96
CA TRP A 123 10.51 -1.63 -9.87
C TRP A 123 11.89 -1.15 -10.24
N ARG A 124 12.20 0.06 -9.84
CA ARG A 124 13.51 0.65 -10.14
C ARG A 124 14.24 0.94 -8.87
N CYS A 125 15.55 0.64 -8.93
CA CYS A 125 16.45 0.95 -7.82
C CYS A 125 17.00 2.39 -7.87
N GLY A 126 17.67 2.76 -6.81
CA GLY A 126 18.43 3.98 -6.80
C GLY A 126 17.96 5.08 -5.90
N ARG A 127 16.97 4.80 -5.04
CA ARG A 127 16.64 5.72 -3.98
C ARG A 127 17.87 5.87 -3.07
N VAL A 128 18.08 7.07 -2.53
CA VAL A 128 19.31 7.33 -1.73
C VAL A 128 18.87 7.90 -0.38
N ASP A 129 19.36 7.33 0.72
CA ASP A 129 19.02 7.78 2.03
C ASP A 129 19.48 9.22 2.18
N THR A 130 18.58 10.06 2.64
CA THR A 130 18.87 11.47 2.86
C THR A 130 18.74 11.77 4.37
N PRO A 131 19.20 12.96 4.79
CA PRO A 131 19.41 13.17 6.21
C PRO A 131 18.12 13.48 6.97
N GLU A 132 18.17 13.36 8.31
CA GLU A 132 17.00 13.54 9.16
C GLU A 132 16.21 14.84 8.88
N ASP A 133 16.90 15.91 8.49
CA ASP A 133 16.22 17.19 8.19
C ASP A 133 15.40 17.24 6.88
N THR A 134 15.43 16.13 6.13
CA THR A 134 14.64 15.99 4.91
C THR A 134 13.35 15.24 5.21
N THR A 135 13.14 14.86 6.46
CA THR A 135 11.95 14.10 6.87
C THR A 135 10.76 15.06 6.77
N PRO A 136 9.69 14.63 6.06
CA PRO A 136 8.52 15.46 6.00
C PRO A 136 7.77 15.48 7.30
N ASP A 137 7.14 16.63 7.60
CA ASP A 137 6.30 16.73 8.82
C ASP A 137 5.11 15.80 8.69
N ASN A 138 4.56 15.39 9.85
CA ASN A 138 3.34 14.64 9.92
C ASN A 138 2.17 15.41 9.32
N GLY A 139 1.12 14.70 8.89
CA GLY A 139 -0.08 15.36 8.39
C GLY A 139 -0.25 15.38 6.86
N ARG A 140 0.64 14.67 6.16
CA ARG A 140 0.59 14.60 4.69
C ARG A 140 -0.14 13.38 4.13
N LEU A 141 -0.42 12.42 4.96
CA LEU A 141 -1.16 11.21 4.59
C LEU A 141 -2.67 11.50 4.80
N PRO A 142 -3.53 10.82 4.06
CA PRO A 142 -4.95 11.19 4.06
C PRO A 142 -5.74 10.70 5.26
N ASP A 143 -6.80 11.43 5.57
CA ASP A 143 -7.74 11.07 6.59
C ASP A 143 -8.80 10.15 5.98
N ALA A 144 -9.35 9.24 6.76
CA ALA A 144 -10.33 8.25 6.27
C ALA A 144 -11.80 8.73 6.50
N ASP A 145 -11.98 9.80 7.25
CA ASP A 145 -13.32 10.24 7.62
C ASP A 145 -13.82 11.33 6.70
N LYS A 146 -13.68 11.15 5.47
CA LYS A 146 -13.85 12.20 4.50
C LYS A 146 -14.62 11.67 3.31
N ASP A 147 -15.00 12.59 2.41
CA ASP A 147 -15.80 12.25 1.25
C ASP A 147 -15.01 12.22 -0.05
N ALA A 148 -15.69 11.97 -1.16
CA ALA A 148 -15.02 11.85 -2.46
C ALA A 148 -14.28 13.09 -2.88
N GLY A 149 -14.84 14.26 -2.56
CA GLY A 149 -14.19 15.51 -2.91
C GLY A 149 -12.81 15.66 -2.26
N TYR A 150 -12.74 15.26 -1.00
CA TYR A 150 -11.50 15.24 -0.24
C TYR A 150 -10.50 14.28 -0.87
N VAL A 151 -11.00 13.09 -1.20
CA VAL A 151 -10.12 12.09 -1.81
C VAL A 151 -9.53 12.59 -3.13
N ARG A 152 -10.41 13.16 -3.96
CA ARG A 152 -9.96 13.65 -5.26
C ARG A 152 -8.90 14.75 -5.09
N THR A 153 -9.20 15.72 -4.20
CA THR A 153 -8.30 16.82 -3.98
C THR A 153 -6.98 16.37 -3.38
N PHE A 154 -7.07 15.50 -2.38
CA PHE A 154 -5.88 15.01 -1.74
C PHE A 154 -4.94 14.37 -2.76
N PHE A 155 -5.46 13.46 -3.57
CA PHE A 155 -4.62 12.75 -4.51
C PHE A 155 -4.04 13.59 -5.68
N GLN A 156 -4.62 14.75 -5.95
CA GLN A 156 -3.99 15.69 -6.89
C GLN A 156 -2.56 16.05 -6.47
N ARG A 157 -2.32 16.05 -5.16
CA ARG A 157 -1.01 16.42 -4.63
C ARG A 157 0.03 15.36 -4.98
N LEU A 158 -0.43 14.13 -5.17
CA LEU A 158 0.42 13.02 -5.57
C LEU A 158 0.37 12.81 -7.10
N ASN A 159 -0.23 13.78 -7.82
CA ASN A 159 -0.34 13.72 -9.29
C ASN A 159 -1.11 12.45 -9.72
N MET A 160 -2.15 12.05 -8.95
CA MET A 160 -3.01 10.93 -9.31
C MET A 160 -4.36 11.40 -9.78
N ASN A 161 -4.84 10.82 -10.87
CA ASN A 161 -6.14 11.09 -11.44
C ASN A 161 -7.20 10.14 -10.94
N ASP A 162 -8.45 10.29 -11.43
N ASP A 162 -8.45 10.26 -11.42
CA ASP A 162 -9.53 9.52 -10.85
CA ASP A 162 -9.52 9.46 -10.83
C ASP A 162 -9.26 8.00 -11.01
C ASP A 162 -9.26 7.95 -11.01
N ARG A 163 -8.80 7.58 -12.18
N ARG A 163 -8.80 7.55 -12.19
CA ARG A 163 -8.57 6.15 -12.44
CA ARG A 163 -8.56 6.14 -12.47
C ARG A 163 -7.46 5.63 -11.56
C ARG A 163 -7.45 5.62 -11.57
N GLU A 164 -6.41 6.43 -11.39
CA GLU A 164 -5.28 6.03 -10.57
C GLU A 164 -5.70 5.90 -9.11
N VAL A 165 -6.54 6.82 -8.66
CA VAL A 165 -7.04 6.78 -7.30
C VAL A 165 -7.86 5.52 -7.06
N VAL A 166 -8.81 5.24 -7.94
CA VAL A 166 -9.65 4.08 -7.75
C VAL A 166 -8.83 2.78 -7.82
N ALA A 167 -7.90 2.70 -8.72
CA ALA A 167 -7.05 1.52 -8.84
C ALA A 167 -6.25 1.34 -7.57
N LEU A 168 -5.61 2.42 -7.06
CA LEU A 168 -4.73 2.24 -5.90
C LEU A 168 -5.57 1.81 -4.69
N MET A 169 -6.81 2.31 -4.57
N MET A 169 -6.78 2.33 -4.55
CA MET A 169 -7.62 1.96 -3.40
CA MET A 169 -7.59 2.00 -3.37
C MET A 169 -7.99 0.49 -3.36
C MET A 169 -8.16 0.55 -3.40
N GLY A 170 -7.88 -0.20 -4.48
CA GLY A 170 -8.16 -1.63 -4.55
C GLY A 170 -7.24 -2.46 -3.68
N ALA A 171 -6.14 -1.84 -3.21
CA ALA A 171 -5.27 -2.50 -2.22
C ALA A 171 -6.04 -2.77 -0.97
N HIS A 172 -7.15 -2.07 -0.76
CA HIS A 172 -7.99 -2.38 0.43
C HIS A 172 -8.72 -3.71 0.32
N ALA A 173 -8.47 -4.51 -0.73
CA ALA A 173 -8.80 -5.94 -0.71
C ALA A 173 -7.94 -6.66 0.34
N LEU A 174 -6.83 -6.05 0.74
CA LEU A 174 -5.82 -6.68 1.63
C LEU A 174 -5.99 -6.31 3.08
N GLY A 175 -5.73 -7.29 3.96
CA GLY A 175 -5.59 -6.93 5.37
C GLY A 175 -6.90 -6.46 5.98
N LYS A 176 -6.74 -5.62 7.00
CA LYS A 176 -7.86 -5.14 7.78
C LYS A 176 -7.51 -3.88 8.50
N THR A 177 -8.55 -3.26 9.08
CA THR A 177 -8.29 -2.18 9.99
C THR A 177 -8.17 -2.78 11.44
N HIS A 178 -7.46 -2.03 12.29
CA HIS A 178 -7.25 -2.34 13.74
C HIS A 178 -7.64 -1.16 14.58
N LEU A 179 -8.56 -1.35 15.52
CA LEU A 179 -9.04 -0.25 16.35
C LEU A 179 -7.90 0.58 16.98
N LYS A 180 -6.90 -0.12 17.50
CA LYS A 180 -5.76 0.48 18.20
C LYS A 180 -4.84 1.31 17.30
N ASN A 181 -4.86 0.99 16.00
CA ASN A 181 -4.08 1.76 15.05
C ASN A 181 -4.80 2.97 14.54
N SER A 182 -6.05 2.80 14.12
CA SER A 182 -6.72 3.81 13.32
C SER A 182 -8.09 4.24 13.82
N GLY A 183 -8.65 3.59 14.77
N GLY A 183 -8.64 3.52 14.78
N GLY A 183 -8.59 3.66 14.86
N GLY A 183 -8.59 3.53 14.83
CA GLY A 183 -10.00 3.92 15.24
CA GLY A 183 -9.96 3.84 15.28
CA GLY A 183 -9.95 3.95 15.28
CA GLY A 183 -9.98 3.84 15.27
C GLY A 183 -11.09 3.35 14.36
C GLY A 183 -11.06 3.26 14.39
C GLY A 183 -11.04 3.34 14.41
C GLY A 183 -11.07 3.30 14.37
N TYR A 184 -10.78 2.29 13.59
N TYR A 184 -10.67 2.29 13.56
N TYR A 184 -10.70 2.28 13.66
N TYR A 184 -10.71 2.35 13.50
CA TYR A 184 -11.74 1.62 12.75
CA TYR A 184 -11.61 1.53 12.74
CA TYR A 184 -11.62 1.56 12.79
CA TYR A 184 -11.65 1.65 12.66
C TYR A 184 -11.69 0.14 13.09
C TYR A 184 -11.34 0.10 13.05
C TYR A 184 -11.43 0.11 13.10
C TYR A 184 -11.68 0.16 12.96
N GLU A 185 -12.86 -0.46 13.16
N GLU A 185 -12.36 -0.73 12.98
N GLU A 185 -12.49 -0.67 13.03
N GLU A 185 -12.85 -0.44 12.78
CA GLU A 185 -13.00 -1.82 13.60
CA GLU A 185 -12.14 -2.13 13.24
CA GLU A 185 -12.32 -2.09 13.24
CA GLU A 185 -13.15 -1.76 13.30
C GLU A 185 -12.95 -2.75 12.39
C GLU A 185 -12.81 -3.01 12.22
C GLU A 185 -13.01 -2.93 12.24
C GLU A 185 -13.59 -2.73 12.21
N GLY A 186 -11.98 -3.64 12.40
N GLY A 186 -12.13 -4.10 11.89
N GLY A 186 -12.28 -3.90 11.69
N GLY A 186 -13.09 -3.95 12.24
CA GLY A 186 -11.75 -4.49 11.25
CA GLY A 186 -12.74 -5.14 11.09
CA GLY A 186 -12.90 -4.89 10.80
CA GLY A 186 -13.49 -4.95 11.26
C GLY A 186 -12.85 -5.47 10.97
C GLY A 186 -12.24 -5.14 9.65
C GLY A 186 -12.25 -4.97 9.44
C GLY A 186 -12.74 -6.25 11.39
N GLY A 187 -13.01 -5.82 9.71
N GLY A 187 -12.90 -5.95 8.86
N GLY A 187 -12.82 -5.83 8.62
N GLY A 187 -13.47 -7.36 11.40
CA GLY A 187 -13.98 -6.74 9.22
CA GLY A 187 -12.52 -6.06 7.44
CA GLY A 187 -12.26 -6.08 7.27
CA GLY A 187 -12.88 -8.68 11.54
C GLY A 187 -13.26 -7.92 8.57
C GLY A 187 -12.17 -7.48 7.04
C GLY A 187 -12.25 -7.55 6.98
C GLY A 187 -12.47 -9.31 10.24
N GLY A 188 -13.99 -8.70 7.79
N GLY A 188 -12.16 -8.41 7.97
N GLY A 188 -11.83 -7.86 5.77
N GLY A 188 -13.11 -8.89 9.14
CA GLY A 188 -13.42 -9.82 7.05
CA GLY A 188 -11.81 -9.79 7.59
CA GLY A 188 -11.87 -9.19 5.25
CA GLY A 188 -12.81 -9.42 7.83
C GLY A 188 -12.20 -9.38 6.30
C GLY A 188 -10.31 -10.10 7.65
C GLY A 188 -10.78 -10.11 5.76
C GLY A 188 -11.36 -9.16 7.46
N ALA A 189 -11.20 -10.23 6.24
N ALA A 189 -9.86 -10.99 6.78
N ALA A 189 -9.67 -9.53 6.19
N ALA A 189 -10.73 -10.12 6.80
CA ALA A 189 -9.87 -9.89 5.72
CA ALA A 189 -8.51 -11.57 6.91
CA ALA A 189 -8.55 -10.30 6.72
CA ALA A 189 -9.32 -10.00 6.43
C ALA A 189 -9.34 -11.04 4.88
C ALA A 189 -7.93 -11.94 5.56
C ALA A 189 -7.94 -11.15 5.60
C ALA A 189 -8.97 -10.91 5.27
N ASN A 190 -8.55 -10.70 3.90
N ASN A 190 -8.22 -11.16 4.54
N ASN A 190 -7.89 -10.58 4.40
N ASN A 190 -7.91 -10.56 4.55
CA ASN A 190 -7.89 -11.64 3.02
CA ASN A 190 -7.73 -11.53 3.23
CA ASN A 190 -7.56 -11.33 3.24
CA ASN A 190 -7.53 -11.28 3.36
C ASN A 190 -6.46 -11.20 2.76
C ASN A 190 -6.26 -11.21 2.95
C ASN A 190 -6.13 -11.08 2.83
C ASN A 190 -6.06 -11.00 3.00
N ASN A 191 -5.68 -12.15 2.27
N ASN A 191 -5.55 -12.18 2.35
N ASN A 191 -5.45 -12.12 2.33
N ASN A 191 -5.39 -12.00 2.42
CA ASN A 191 -4.28 -11.94 1.92
CA ASN A 191 -4.15 -12.00 1.95
CA ASN A 191 -4.02 -12.03 1.92
CA ASN A 191 -3.97 -11.87 2.02
C ASN A 191 -3.94 -12.43 0.52
C ASN A 191 -3.88 -12.49 0.54
C ASN A 191 -3.78 -12.51 0.53
C ASN A 191 -3.73 -12.40 0.60
N VAL A 192 -4.80 -12.24 -0.33
CA VAL A 192 -4.64 -12.61 -1.72
C VAL A 192 -5.10 -11.40 -2.48
N PHE A 193 -4.27 -10.96 -3.39
CA PHE A 193 -4.53 -9.73 -4.12
C PHE A 193 -5.50 -10.00 -5.25
N THR A 194 -6.72 -9.45 -5.18
CA THR A 194 -7.75 -9.62 -6.13
C THR A 194 -8.45 -8.28 -6.31
N ASN A 195 -9.47 -8.26 -7.16
CA ASN A 195 -10.43 -7.13 -7.30
C ASN A 195 -11.60 -7.18 -6.35
N GLU A 196 -11.49 -7.95 -5.24
N GLU A 196 -11.51 -7.98 -5.25
CA GLU A 196 -12.62 -8.13 -4.35
CA GLU A 196 -12.64 -8.17 -4.31
C GLU A 196 -13.12 -6.85 -3.71
C GLU A 196 -13.11 -6.87 -3.66
N PHE A 197 -12.24 -5.87 -3.54
CA PHE A 197 -12.63 -4.59 -2.91
C PHE A 197 -13.86 -4.04 -3.67
N TYR A 198 -13.75 -4.02 -5.01
CA TYR A 198 -14.78 -3.45 -5.85
C TYR A 198 -16.06 -4.27 -5.83
N LEU A 199 -15.89 -5.59 -5.91
CA LEU A 199 -17.02 -6.52 -5.87
C LEU A 199 -17.78 -6.36 -4.51
N ASN A 200 -17.07 -6.25 -3.39
N ASN A 200 -17.03 -6.24 -3.42
CA ASN A 200 -17.75 -6.04 -2.09
CA ASN A 200 -17.55 -6.06 -2.05
C ASN A 200 -18.48 -4.72 -2.10
C ASN A 200 -18.34 -4.75 -1.96
N LEU A 201 -17.80 -3.66 -2.53
CA LEU A 201 -18.45 -2.37 -2.57
C LEU A 201 -19.80 -2.45 -3.26
N LEU A 202 -19.84 -3.08 -4.43
CA LEU A 202 -21.02 -3.10 -5.29
C LEU A 202 -22.08 -4.12 -4.82
N ASN A 203 -21.67 -5.19 -4.16
CA ASN A 203 -22.60 -6.31 -3.94
C ASN A 203 -23.12 -6.41 -2.53
N GLU A 204 -22.48 -5.78 -1.56
CA GLU A 204 -22.88 -5.92 -0.16
C GLU A 204 -23.94 -4.84 0.13
N ASP A 205 -24.72 -5.09 1.17
CA ASP A 205 -25.63 -4.06 1.60
C ASP A 205 -25.03 -3.35 2.82
N TRP A 206 -24.74 -2.07 2.65
CA TRP A 206 -23.92 -1.31 3.58
C TRP A 206 -24.81 -0.42 4.43
N LYS A 207 -24.46 -0.32 5.69
CA LYS A 207 -25.13 0.59 6.64
C LYS A 207 -24.11 1.48 7.32
N LEU A 208 -24.33 2.78 7.28
CA LEU A 208 -23.45 3.72 7.97
C LEU A 208 -23.77 3.72 9.46
N GLU A 209 -22.76 3.47 10.29
CA GLU A 209 -22.96 3.49 11.72
C GLU A 209 -21.69 3.88 12.45
N LYS A 210 -21.84 4.21 13.73
CA LYS A 210 -20.69 4.50 14.56
C LYS A 210 -20.15 3.19 15.11
N ASN A 211 -18.83 3.05 15.10
CA ASN A 211 -18.19 1.88 15.62
C ASN A 211 -17.96 2.04 17.13
N ASP A 212 -17.28 1.05 17.71
CA ASP A 212 -17.01 1.05 19.16
C ASP A 212 -16.02 2.12 19.60
N ALA A 213 -15.34 2.81 18.68
CA ALA A 213 -14.53 3.99 18.98
C ALA A 213 -15.20 5.31 18.60
N ASN A 214 -16.50 5.26 18.29
CA ASN A 214 -17.27 6.46 17.94
C ASN A 214 -16.92 7.11 16.58
N ASN A 215 -16.29 6.34 15.67
CA ASN A 215 -16.03 6.82 14.33
C ASN A 215 -16.99 6.18 13.33
N GLU A 216 -17.39 6.93 12.30
N GLU A 216 -17.35 6.94 12.30
CA GLU A 216 -18.34 6.41 11.34
CA GLU A 216 -18.25 6.51 11.26
C GLU A 216 -17.62 5.51 10.33
C GLU A 216 -17.57 5.48 10.34
N GLN A 217 -18.25 4.40 10.03
CA GLN A 217 -17.83 3.46 8.99
C GLN A 217 -19.05 2.77 8.42
N TRP A 218 -18.89 2.17 7.25
CA TRP A 218 -19.95 1.48 6.58
C TRP A 218 -19.80 0.02 6.83
N ASP A 219 -20.85 -0.63 7.35
CA ASP A 219 -20.80 -2.04 7.74
C ASP A 219 -21.82 -2.86 7.01
N SER A 220 -21.46 -4.09 6.63
CA SER A 220 -22.41 -4.94 5.91
C SER A 220 -22.95 -6.04 6.87
N LYS A 221 -24.08 -6.64 6.51
CA LYS A 221 -24.66 -7.75 7.28
C LYS A 221 -23.69 -8.94 7.39
N SER A 222 -22.91 -9.14 6.33
CA SER A 222 -21.85 -10.20 6.27
C SER A 222 -20.69 -10.00 7.22
N GLY A 223 -20.51 -8.80 7.74
CA GLY A 223 -19.40 -8.54 8.64
C GLY A 223 -18.26 -7.76 8.01
N TYR A 224 -18.42 -7.32 6.77
CA TYR A 224 -17.40 -6.50 6.14
C TYR A 224 -17.57 -5.02 6.49
N MET A 225 -16.52 -4.24 6.24
CA MET A 225 -16.51 -2.82 6.47
C MET A 225 -15.88 -2.04 5.33
N MET A 226 -16.33 -0.80 5.19
CA MET A 226 -15.68 0.20 4.31
C MET A 226 -15.47 1.46 5.10
N LEU A 227 -14.30 2.08 4.95
CA LEU A 227 -14.06 3.40 5.46
C LEU A 227 -14.94 4.41 4.74
N PRO A 228 -15.16 5.62 5.30
CA PRO A 228 -15.91 6.61 4.55
C PRO A 228 -15.25 6.94 3.22
N THR A 229 -13.91 6.97 3.17
CA THR A 229 -13.20 7.28 1.90
C THR A 229 -13.34 6.11 0.95
N ASP A 230 -13.44 4.87 1.44
CA ASP A 230 -13.69 3.75 0.54
C ASP A 230 -15.07 3.86 -0.12
N TYR A 231 -16.08 4.11 0.73
CA TYR A 231 -17.43 4.16 0.28
C TYR A 231 -17.66 5.35 -0.66
N SER A 232 -16.87 6.41 -0.49
CA SER A 232 -16.96 7.57 -1.41
C SER A 232 -16.82 7.18 -2.85
N LEU A 233 -16.13 6.06 -3.10
CA LEU A 233 -15.92 5.63 -4.47
C LEU A 233 -17.13 5.11 -5.16
N ILE A 234 -18.22 4.83 -4.44
CA ILE A 234 -19.52 4.52 -5.06
C ILE A 234 -20.53 5.65 -4.86
N GLN A 235 -20.19 6.67 -4.08
CA GLN A 235 -21.02 7.87 -3.91
C GLN A 235 -20.81 8.84 -5.07
N ASP A 236 -19.59 8.97 -5.50
CA ASP A 236 -19.24 9.85 -6.61
C ASP A 236 -19.46 9.18 -7.94
N PRO A 237 -20.05 9.89 -8.91
N PRO A 237 -20.19 9.81 -8.86
CA PRO A 237 -20.47 9.20 -10.14
CA PRO A 237 -20.47 9.12 -10.13
C PRO A 237 -19.32 8.78 -11.04
C PRO A 237 -19.27 8.79 -11.02
N LYS A 238 -18.25 9.56 -11.02
N LYS A 238 -18.25 9.63 -11.02
CA LYS A 238 -17.08 9.24 -11.79
CA LYS A 238 -17.03 9.35 -11.78
C LYS A 238 -16.30 8.09 -11.20
C LYS A 238 -16.28 8.14 -11.20
N TYR A 239 -16.08 8.14 -9.89
CA TYR A 239 -15.46 7.01 -9.21
C TYR A 239 -16.29 5.73 -9.43
N LEU A 240 -17.62 5.83 -9.34
CA LEU A 240 -18.48 4.64 -9.44
C LEU A 240 -18.29 3.91 -10.75
N SER A 241 -18.16 4.67 -11.83
N SER A 241 -18.17 4.65 -11.84
CA SER A 241 -17.93 4.07 -13.13
CA SER A 241 -18.03 4.00 -13.11
C SER A 241 -16.71 3.19 -13.14
C SER A 241 -16.71 3.23 -13.21
N ILE A 242 -15.66 3.72 -12.56
CA ILE A 242 -14.38 3.02 -12.53
C ILE A 242 -14.44 1.78 -11.58
N VAL A 243 -15.08 1.90 -10.45
CA VAL A 243 -15.33 0.77 -9.54
C VAL A 243 -16.03 -0.36 -10.33
N LYS A 244 -17.09 0.00 -11.04
CA LYS A 244 -17.78 -1.00 -11.90
C LYS A 244 -16.84 -1.63 -12.89
N GLU A 245 -16.01 -0.84 -13.56
CA GLU A 245 -15.09 -1.37 -14.51
C GLU A 245 -14.16 -2.43 -13.87
N TYR A 246 -13.54 -2.10 -12.75
CA TYR A 246 -12.60 -3.03 -12.10
C TYR A 246 -13.32 -4.25 -11.49
N ALA A 247 -14.57 -4.10 -11.09
CA ALA A 247 -15.36 -5.21 -10.58
C ALA A 247 -15.63 -6.20 -11.69
N ASN A 248 -15.62 -5.72 -12.93
CA ASN A 248 -15.96 -6.48 -14.13
C ASN A 248 -14.78 -6.83 -15.00
N ASP A 249 -13.57 -6.41 -14.61
CA ASP A 249 -12.40 -6.68 -15.40
C ASP A 249 -11.15 -6.83 -14.53
N GLN A 250 -10.90 -8.05 -14.08
CA GLN A 250 -9.75 -8.37 -13.22
C GLN A 250 -8.46 -7.96 -13.87
N ASP A 251 -8.27 -8.24 -15.14
CA ASP A 251 -7.01 -7.97 -15.81
C ASP A 251 -6.76 -6.47 -15.97
N LYS A 252 -7.81 -5.70 -16.24
CA LYS A 252 -7.66 -4.24 -16.34
C LYS A 252 -7.30 -3.68 -14.97
N PHE A 253 -7.92 -4.20 -13.92
CA PHE A 253 -7.61 -3.72 -12.64
C PHE A 253 -6.11 -4.00 -12.34
N PHE A 254 -5.65 -5.22 -12.60
CA PHE A 254 -4.25 -5.59 -12.37
C PHE A 254 -3.29 -4.66 -13.12
N LYS A 255 -3.57 -4.45 -14.41
CA LYS A 255 -2.69 -3.58 -15.21
C LYS A 255 -2.67 -2.12 -14.70
N ASP A 256 -3.84 -1.57 -14.40
CA ASP A 256 -3.96 -0.21 -13.91
C ASP A 256 -3.33 -0.06 -12.52
N PHE A 257 -3.57 -1.02 -11.64
CA PHE A 257 -2.93 -0.99 -10.35
C PHE A 257 -1.40 -1.02 -10.46
N SER A 258 -0.88 -1.90 -11.29
CA SER A 258 0.58 -2.03 -11.49
C SER A 258 1.19 -0.68 -11.88
N LYS A 259 0.57 -0.04 -12.87
CA LYS A 259 1.10 1.26 -13.32
C LYS A 259 1.00 2.29 -12.22
N ALA A 260 -0.14 2.38 -11.54
CA ALA A 260 -0.36 3.41 -10.51
C ALA A 260 0.56 3.21 -9.32
N PHE A 261 0.76 1.96 -8.92
CA PHE A 261 1.56 1.66 -7.77
C PHE A 261 3.03 1.92 -8.07
N GLU A 262 3.53 1.54 -9.25
CA GLU A 262 4.92 1.88 -9.61
C GLU A 262 5.06 3.41 -9.57
N LYS A 263 4.10 4.11 -10.18
CA LYS A 263 4.15 5.58 -10.18
C LYS A 263 4.21 6.14 -8.78
N LEU A 264 3.36 5.65 -7.90
CA LEU A 264 3.33 6.08 -6.50
C LEU A 264 4.72 5.94 -5.88
N LEU A 265 5.35 4.76 -5.95
N LEU A 265 5.34 4.76 -6.05
CA LEU A 265 6.67 4.49 -5.38
CA LEU A 265 6.63 4.47 -5.46
C LEU A 265 7.78 5.25 -6.08
C LEU A 265 7.77 5.25 -6.11
N GLU A 266 7.53 5.80 -7.30
CA GLU A 266 8.58 6.55 -8.05
C GLU A 266 8.42 8.04 -8.00
N ASN A 267 7.28 8.51 -7.46
CA ASN A 267 7.04 9.94 -7.46
C ASN A 267 8.20 10.66 -6.77
N GLY A 268 8.67 11.71 -7.42
CA GLY A 268 9.75 12.55 -6.86
C GLY A 268 11.15 12.14 -7.25
N ILE A 269 11.26 11.03 -7.94
CA ILE A 269 12.59 10.51 -8.31
C ILE A 269 12.84 10.83 -9.77
N THR A 270 14.00 11.45 -10.01
CA THR A 270 14.55 11.68 -11.37
C THR A 270 15.47 10.54 -11.81
N PHE A 271 15.07 9.80 -12.84
CA PHE A 271 15.89 8.73 -13.36
C PHE A 271 16.70 9.26 -14.53
N PRO A 272 18.04 9.22 -14.40
CA PRO A 272 18.86 9.56 -15.56
C PRO A 272 18.56 8.71 -16.79
N LYS A 273 18.88 9.23 -17.98
CA LYS A 273 18.64 8.44 -19.21
C LYS A 273 19.45 7.17 -19.34
N ASP A 274 20.57 7.12 -18.63
N ASP A 274 20.58 7.08 -18.66
CA ASP A 274 21.37 5.92 -18.56
CA ASP A 274 21.33 5.83 -18.65
C ASP A 274 21.09 5.04 -17.36
C ASP A 274 20.99 4.93 -17.46
N ALA A 275 19.98 5.28 -16.66
CA ALA A 275 19.53 4.39 -15.59
C ALA A 275 19.12 3.05 -16.14
N PRO A 276 19.29 1.98 -15.36
CA PRO A 276 18.75 0.68 -15.78
C PRO A 276 17.23 0.78 -16.06
N SER A 277 16.73 -0.08 -16.95
CA SER A 277 15.30 -0.27 -17.16
C SER A 277 14.71 -0.81 -15.85
N PRO A 278 13.41 -0.60 -15.67
CA PRO A 278 12.80 -1.25 -14.48
C PRO A 278 12.99 -2.73 -14.47
N PHE A 279 13.06 -3.29 -13.27
CA PHE A 279 13.26 -4.70 -13.07
C PHE A 279 11.87 -5.33 -12.87
N ILE A 280 11.65 -6.51 -13.44
CA ILE A 280 10.45 -7.30 -13.14
C ILE A 280 10.95 -8.56 -12.44
N PHE A 281 10.67 -8.67 -11.16
CA PHE A 281 11.14 -9.76 -10.37
C PHE A 281 10.27 -10.98 -10.53
N LYS A 282 10.93 -12.14 -10.57
N LYS A 282 10.92 -12.14 -10.56
CA LYS A 282 10.26 -13.45 -10.55
CA LYS A 282 10.22 -13.42 -10.54
C LYS A 282 9.74 -13.74 -9.12
C LYS A 282 9.74 -13.73 -9.13
N THR A 283 8.54 -14.30 -9.02
CA THR A 283 8.05 -14.74 -7.76
C THR A 283 8.79 -16.00 -7.32
N LEU A 284 8.64 -16.37 -6.06
CA LEU A 284 9.24 -17.64 -5.60
C LEU A 284 8.72 -18.79 -6.43
N GLU A 285 7.43 -18.78 -6.72
CA GLU A 285 6.79 -19.82 -7.48
C GLU A 285 7.39 -19.97 -8.88
N GLU A 286 7.64 -18.85 -9.55
CA GLU A 286 8.27 -18.83 -10.85
C GLU A 286 9.70 -19.37 -10.86
N GLN A 287 10.35 -19.30 -9.72
CA GLN A 287 11.74 -19.75 -9.53
C GLN A 287 11.80 -21.20 -9.02
N GLY A 288 10.65 -21.77 -8.72
CA GLY A 288 10.58 -23.13 -8.14
C GLY A 288 11.11 -23.16 -6.72
N LEU A 289 11.02 -22.03 -6.01
CA LEU A 289 11.53 -21.90 -4.65
C LEU A 289 10.40 -21.88 -3.63
CHA HEM B . -5.12 -0.15 5.90
CHB HEM B . -6.89 4.38 5.21
CHC HEM B . -5.21 4.38 0.66
CHD HEM B . -3.13 0.10 1.46
C1A HEM B . -5.71 1.08 6.09
C2A HEM B . -6.33 1.55 7.30
C3A HEM B . -6.81 2.77 7.13
C4A HEM B . -6.54 3.18 5.76
CMA HEM B . -7.52 3.67 8.18
CAA HEM B . -6.33 0.70 8.61
CBA HEM B . -5.01 0.83 9.37
CGA HEM B . -5.03 -0.06 10.60
O1A HEM B . -6.00 0.18 11.36
O2A HEM B . -4.17 -0.94 10.80
C1B HEM B . -6.58 4.76 3.93
C2B HEM B . -7.01 5.99 3.31
C3B HEM B . -6.57 5.98 2.05
C4B HEM B . -5.87 4.73 1.82
CMB HEM B . -7.82 7.11 4.05
CAB HEM B . -6.71 7.01 0.93
CBB HEM B . -7.79 7.81 0.95
C1C HEM B . -4.44 3.27 0.51
C2C HEM B . -3.58 2.97 -0.58
C3C HEM B . -3.00 1.76 -0.38
C4C HEM B . -3.43 1.32 0.92
CMC HEM B . -3.42 3.85 -1.82
CAC HEM B . -1.98 1.05 -1.24
CBC HEM B . -1.93 1.05 -2.55
C1D HEM B . -3.59 -0.37 2.65
C2D HEM B . -3.37 -1.75 3.14
C3D HEM B . -3.99 -1.80 4.49
C4D HEM B . -4.52 -0.51 4.71
CMD HEM B . -2.74 -2.90 2.35
CAD HEM B . -4.08 -3.01 5.43
CBD HEM B . -2.88 -3.09 6.32
CGD HEM B . -2.99 -4.20 7.36
O1D HEM B . -3.83 -5.10 7.19
O2D HEM B . -2.12 -4.13 8.28
NA HEM B . -5.84 2.11 5.16
NB HEM B . -5.88 4.02 3.02
NC HEM B . -4.33 2.27 1.42
ND HEM B . -4.31 0.32 3.61
FE HEM B . -5.15 2.14 3.28
CAA 2NY C . -12.58 -5.92 0.70
CAH 2NY C . -12.80 -6.16 2.23
NAP 2NY C . -11.57 -5.96 3.03
CAI 2NY C . -10.66 -7.09 3.20
CAB 2NY C . -11.49 -8.30 3.65
C2 2NY C . -11.19 -4.75 3.43
N1 2NY C . -12.06 -3.71 3.15
N3 2NY C . -9.97 -4.52 3.99
C4 2NY C . -9.55 -3.27 4.31
CAF 2NY C . -8.28 -3.04 4.88
CAD 2NY C . -7.86 -1.78 5.21
CAE 2NY C . -8.70 -0.69 4.97
CAG 2NY C . -9.98 -0.88 4.38
C5 2NY C . -10.42 -2.18 4.08
C6 2NY C . -11.67 -2.49 3.48
NAC 2NY C . -12.50 -1.53 3.18
P PO4 D . -17.99 -4.63 12.01
O1 PO4 D . -19.34 -5.30 11.97
O2 PO4 D . -17.49 -4.51 10.58
O3 PO4 D . -18.15 -3.28 12.67
O4 PO4 D . -17.03 -5.41 12.85
#